data_7EZL
#
_entry.id   7EZL
#
_cell.length_a   47.838
_cell.length_b   55.170
_cell.length_c   56.911
_cell.angle_alpha   90.000
_cell.angle_beta   101.529
_cell.angle_gamma   90.000
#
_symmetry.space_group_name_H-M   'P 1 21 1'
#
loop_
_entity.id
_entity.type
_entity.pdbx_description
1 polymer 'L-galactose dehydrogenase'
2 non-polymer NICOTINAMIDE-ADENINE-DINUCLEOTIDE
3 non-polymer 'MAGNESIUM ION'
4 water water
#
_entity_poly.entity_id   1
_entity_poly.type   'polypeptide(L)'
_entity_poly.pdbx_seq_one_letter_code
;MAHHHHHHMELRELGATGLRVSPVGFGASPLGHVFGDVPRDVARAAVRRALDLGINFFDTSPYYGGTVSESVLGDCLRAA
GVPRDRFVVATKCGRYREGFDFSAARVTRSVDESLARLGLDYVDILHCHDIEFTDLDQIVNETIPVLQKIKESGKARFIG
ITGLPLSIYTYVLDQVPPGSVDVILSYCHYGINDTALVDLLPYLKSKGVGVISASPLAMGLLTDNGPPEWHPAPKELKLA
CRAAADHCKKKGKNITKLAMQYSLMNNEISTVLVGMNSPEQVEENVAAAIELSTSGIDKELLHEVEAILEPVKNMTWSSG
IEQA
;
_entity_poly.pdbx_strand_id   A
#
loop_
_chem_comp.id
_chem_comp.type
_chem_comp.name
_chem_comp.formula
MG non-polymer 'MAGNESIUM ION' 'Mg 2'
NAD non-polymer NICOTINAMIDE-ADENINE-DINUCLEOTIDE 'C21 H27 N7 O14 P2'
#
# COMPACT_ATOMS: atom_id res chain seq x y z
N HIS A 7 -24.68 -6.16 0.95
CA HIS A 7 -23.35 -6.81 1.19
C HIS A 7 -22.32 -5.77 1.63
N HIS A 8 -21.55 -6.11 2.66
CA HIS A 8 -20.39 -5.35 3.06
C HIS A 8 -19.15 -6.12 2.62
N MET A 9 -17.98 -5.48 2.75
CA MET A 9 -16.72 -6.20 2.60
C MET A 9 -16.38 -6.79 3.97
N GLU A 10 -15.68 -7.92 3.97
CA GLU A 10 -15.31 -8.62 5.20
C GLU A 10 -13.99 -8.08 5.75
N LEU A 11 -14.05 -7.37 6.88
CA LEU A 11 -12.89 -6.81 7.56
C LEU A 11 -11.92 -7.92 7.95
N ARG A 12 -10.62 -7.60 7.95
CA ARG A 12 -9.58 -8.56 8.29
C ARG A 12 -8.81 -8.03 9.49
N GLU A 13 -8.20 -8.94 10.25
CA GLU A 13 -7.41 -8.49 11.38
C GLU A 13 -5.99 -8.19 10.92
N LEU A 14 -5.48 -7.05 11.38
CA LEU A 14 -4.16 -6.56 11.02
C LEU A 14 -3.13 -6.94 12.09
N GLY A 15 -2.36 -7.99 11.79
CA GLY A 15 -1.30 -8.51 12.63
C GLY A 15 -1.81 -8.72 14.04
N ALA A 16 -1.03 -8.19 15.00
CA ALA A 16 -1.35 -8.29 16.41
C ALA A 16 -1.74 -6.90 16.94
N THR A 17 -2.27 -6.04 16.06
CA THR A 17 -2.49 -4.64 16.41
C THR A 17 -3.86 -4.47 17.05
N GLY A 18 -4.76 -5.42 16.81
CA GLY A 18 -6.13 -5.22 17.23
C GLY A 18 -7.00 -4.61 16.13
N LEU A 19 -6.39 -3.93 15.14
CA LEU A 19 -7.15 -3.20 14.12
C LEU A 19 -7.83 -4.19 13.16
N ARG A 20 -9.04 -3.81 12.72
CA ARG A 20 -9.83 -4.55 11.74
C ARG A 20 -10.00 -3.67 10.50
N VAL A 21 -9.45 -4.11 9.37
CA VAL A 21 -9.31 -3.23 8.22
C VAL A 21 -10.06 -3.80 7.01
N SER A 22 -10.55 -2.90 6.14
CA SER A 22 -11.15 -3.31 4.88
C SER A 22 -10.11 -4.03 4.05
N PRO A 23 -10.49 -5.08 3.29
CA PRO A 23 -9.51 -5.82 2.48
C PRO A 23 -9.06 -4.98 1.28
N VAL A 24 -9.90 -4.02 0.87
CA VAL A 24 -9.45 -3.03 -0.10
C VAL A 24 -9.09 -1.80 0.71
N GLY A 25 -7.85 -1.31 0.53
CA GLY A 25 -7.46 -0.07 1.19
C GLY A 25 -7.20 1.03 0.16
N PHE A 26 -7.29 2.29 0.61
CA PHE A 26 -7.22 3.47 -0.22
C PHE A 26 -5.80 4.05 -0.20
N GLY A 27 -5.08 3.86 -1.31
CA GLY A 27 -3.80 4.56 -1.43
C GLY A 27 -4.01 5.96 -2.00
N ALA A 28 -3.58 6.96 -1.25
CA ALA A 28 -3.99 8.33 -1.53
C ALA A 28 -3.04 9.00 -2.53
N SER A 29 -2.11 8.23 -3.10
CA SER A 29 -1.28 8.70 -4.19
C SER A 29 -1.07 7.62 -5.26
N PRO A 30 -2.03 7.44 -6.20
CA PRO A 30 -1.83 6.57 -7.37
C PRO A 30 -0.80 7.05 -8.40
N LEU A 31 0.17 6.17 -8.73
CA LEU A 31 1.23 6.39 -9.71
C LEU A 31 2.11 7.60 -9.33
N GLY A 32 2.37 7.76 -8.02
CA GLY A 32 3.24 8.84 -7.55
C GLY A 32 2.69 10.24 -7.82
N HIS A 33 1.37 10.39 -7.66
CA HIS A 33 0.64 11.65 -7.74
C HIS A 33 -0.49 11.63 -6.72
N VAL A 34 -0.74 12.78 -6.07
CA VAL A 34 -1.77 12.98 -5.06
C VAL A 34 -3.15 12.77 -5.67
N PHE A 35 -3.66 11.53 -5.59
CA PHE A 35 -4.97 11.18 -6.16
C PHE A 35 -4.97 11.42 -7.67
N GLY A 36 -3.87 11.06 -8.34
CA GLY A 36 -3.66 11.34 -9.76
C GLY A 36 -3.28 12.80 -9.99
N ASP A 37 -4.21 13.56 -10.58
CA ASP A 37 -4.13 15.02 -10.60
C ASP A 37 -5.55 15.60 -10.66
N VAL A 38 -6.51 14.91 -10.02
CA VAL A 38 -7.92 15.26 -10.17
C VAL A 38 -8.26 16.47 -9.31
N PRO A 39 -9.37 17.17 -9.67
CA PRO A 39 -9.89 18.29 -8.87
C PRO A 39 -10.07 17.81 -7.43
N ARG A 40 -10.07 18.77 -6.51
CA ARG A 40 -10.24 18.53 -5.09
C ARG A 40 -11.61 17.94 -4.80
N ASP A 41 -12.64 18.50 -5.43
CA ASP A 41 -14.01 18.01 -5.29
C ASP A 41 -14.06 16.51 -5.62
N VAL A 42 -13.28 16.09 -6.62
CA VAL A 42 -13.31 14.70 -7.00
C VAL A 42 -12.58 13.85 -5.95
N ALA A 43 -11.43 14.36 -5.47
CA ALA A 43 -10.72 13.67 -4.39
C ALA A 43 -11.69 13.49 -3.22
N ARG A 44 -12.23 14.61 -2.74
CA ARG A 44 -13.15 14.63 -1.61
C ARG A 44 -14.25 13.60 -1.82
N ALA A 45 -14.73 13.45 -3.06
CA ALA A 45 -15.81 12.52 -3.35
C ALA A 45 -15.31 11.08 -3.37
N ALA A 46 -14.09 10.85 -3.87
CA ALA A 46 -13.57 9.48 -3.87
C ALA A 46 -13.49 8.96 -2.43
N VAL A 47 -12.95 9.79 -1.54
CA VAL A 47 -12.79 9.44 -0.14
C VAL A 47 -14.16 9.29 0.54
N ARG A 48 -15.09 10.20 0.23
CA ARG A 48 -16.45 10.08 0.74
C ARG A 48 -17.06 8.75 0.34
N ARG A 49 -16.90 8.40 -0.95
CA ARG A 49 -17.51 7.21 -1.53
C ARG A 49 -16.88 5.97 -0.90
N ALA A 50 -15.57 6.06 -0.62
CA ALA A 50 -14.82 4.98 0.00
C ALA A 50 -15.36 4.76 1.42
N LEU A 51 -15.57 5.85 2.15
CA LEU A 51 -16.10 5.71 3.51
C LEU A 51 -17.48 5.04 3.44
N ASP A 52 -18.33 5.54 2.54
CA ASP A 52 -19.71 5.07 2.39
C ASP A 52 -19.75 3.59 1.99
N LEU A 53 -18.72 3.09 1.29
CA LEU A 53 -18.77 1.75 0.75
C LEU A 53 -18.02 0.75 1.61
N GLY A 54 -17.53 1.18 2.78
CA GLY A 54 -16.94 0.26 3.74
C GLY A 54 -15.41 0.20 3.69
N ILE A 55 -14.76 1.12 2.95
CA ILE A 55 -13.31 1.23 3.03
C ILE A 55 -12.97 2.03 4.29
N ASN A 56 -12.09 1.52 5.17
CA ASN A 56 -11.80 2.23 6.41
C ASN A 56 -10.30 2.45 6.63
N PHE A 57 -9.51 2.19 5.58
CA PHE A 57 -8.06 2.20 5.65
C PHE A 57 -7.51 3.18 4.61
N PHE A 58 -6.72 4.14 5.07
CA PHE A 58 -6.18 5.22 4.27
C PHE A 58 -4.68 5.30 4.49
N ASP A 59 -3.95 5.18 3.37
CA ASP A 59 -2.50 5.29 3.37
C ASP A 59 -2.06 6.53 2.61
N THR A 60 -1.11 7.27 3.20
CA THR A 60 -0.53 8.44 2.58
C THR A 60 0.93 8.54 3.01
N SER A 61 1.56 9.68 2.67
CA SER A 61 2.92 9.92 3.07
C SER A 61 3.23 11.39 2.80
N PRO A 62 4.27 11.97 3.42
CA PRO A 62 4.65 13.34 3.08
C PRO A 62 5.44 13.45 1.76
N TYR A 63 5.56 12.35 1.01
CA TYR A 63 6.46 12.39 -0.14
C TYR A 63 5.72 12.78 -1.41
N TYR A 64 4.72 12.00 -1.81
CA TYR A 64 4.17 12.20 -3.14
C TYR A 64 3.37 13.49 -3.17
N GLY A 65 3.75 14.38 -4.10
CA GLY A 65 3.15 15.69 -4.24
C GLY A 65 3.65 16.71 -3.21
N GLY A 66 4.85 16.46 -2.66
CA GLY A 66 5.56 17.39 -1.78
C GLY A 66 4.75 17.76 -0.53
N THR A 67 4.11 16.75 0.09
CA THR A 67 3.36 16.84 1.34
C THR A 67 1.87 17.17 1.08
N VAL A 68 1.49 17.38 -0.19
CA VAL A 68 0.09 17.75 -0.44
C VAL A 68 -0.82 16.52 -0.41
N SER A 69 -0.27 15.32 -0.62
CA SER A 69 -1.08 14.13 -0.45
C SER A 69 -1.77 14.14 0.91
N GLU A 70 -1.00 14.52 1.96
CA GLU A 70 -1.45 14.50 3.34
C GLU A 70 -2.42 15.66 3.60
N SER A 71 -2.11 16.84 3.05
CA SER A 71 -3.00 17.99 3.17
C SER A 71 -4.36 17.69 2.53
N VAL A 72 -4.35 17.08 1.33
CA VAL A 72 -5.57 16.76 0.59
C VAL A 72 -6.35 15.64 1.31
N LEU A 73 -5.65 14.58 1.77
CA LEU A 73 -6.34 13.53 2.51
C LEU A 73 -6.94 14.09 3.80
N GLY A 74 -6.16 14.87 4.56
CA GLY A 74 -6.69 15.52 5.75
C GLY A 74 -7.96 16.29 5.41
N ASP A 75 -7.89 17.06 4.31
CA ASP A 75 -8.99 17.87 3.81
C ASP A 75 -10.20 16.98 3.52
N CYS A 76 -9.96 15.87 2.79
CA CYS A 76 -11.00 14.98 2.29
C CYS A 76 -11.70 14.25 3.42
N LEU A 77 -10.98 14.04 4.53
CA LEU A 77 -11.44 13.16 5.61
C LEU A 77 -12.38 13.95 6.51
N ARG A 78 -11.94 15.14 6.92
CA ARG A 78 -12.72 15.99 7.82
C ARG A 78 -13.92 16.55 7.06
N ALA A 79 -13.76 16.70 5.73
CA ALA A 79 -14.85 17.13 4.86
C ALA A 79 -15.95 16.07 4.86
N ALA A 80 -15.56 14.79 4.73
CA ALA A 80 -16.51 13.69 4.72
C ALA A 80 -17.25 13.58 6.06
N GLY A 81 -16.67 14.21 7.11
CA GLY A 81 -17.21 14.24 8.46
C GLY A 81 -17.58 12.85 8.98
N VAL A 82 -16.63 12.16 9.61
CA VAL A 82 -16.86 10.81 10.13
C VAL A 82 -16.04 10.66 11.40
N PRO A 83 -16.54 9.90 12.41
CA PRO A 83 -15.84 9.69 13.68
C PRO A 83 -14.40 9.25 13.44
N ARG A 84 -13.48 9.80 14.25
CA ARG A 84 -12.06 9.47 14.19
C ARG A 84 -11.84 7.96 14.30
N ASP A 85 -12.70 7.25 15.05
CA ASP A 85 -12.45 5.84 15.29
C ASP A 85 -13.15 4.99 14.25
N ARG A 86 -13.71 5.65 13.24
CA ARG A 86 -14.30 4.91 12.12
C ARG A 86 -13.25 4.59 11.05
N PHE A 87 -12.11 5.30 11.07
CA PHE A 87 -11.09 5.02 10.06
C PHE A 87 -9.70 4.80 10.66
N VAL A 88 -8.83 4.18 9.85
CA VAL A 88 -7.45 3.87 10.18
C VAL A 88 -6.59 4.64 9.17
N VAL A 89 -5.68 5.47 9.66
CA VAL A 89 -4.79 6.24 8.80
C VAL A 89 -3.35 5.77 9.02
N ALA A 90 -2.64 5.57 7.90
CA ALA A 90 -1.21 5.40 7.98
C ALA A 90 -0.50 6.54 7.22
N THR A 91 0.57 7.06 7.82
CA THR A 91 1.48 7.88 7.06
C THR A 91 2.88 7.31 7.25
N LYS A 92 3.88 8.04 6.75
CA LYS A 92 5.25 7.56 6.72
C LYS A 92 6.18 8.71 7.08
N CYS A 93 7.46 8.37 7.30
CA CYS A 93 8.49 9.35 7.57
C CYS A 93 9.80 8.87 6.94
N GLY A 94 10.73 9.80 6.77
CA GLY A 94 12.04 9.46 6.25
C GLY A 94 12.28 9.85 4.81
N ARG A 95 11.22 9.81 3.96
CA ARG A 95 11.33 10.12 2.56
C ARG A 95 10.60 11.43 2.25
N TYR A 96 11.31 12.39 1.68
CA TYR A 96 10.75 13.72 1.42
C TYR A 96 11.15 14.12 0.00
N ARG A 97 10.45 15.10 -0.57
CA ARG A 97 10.84 15.59 -1.90
C ARG A 97 12.29 16.10 -1.89
N GLU A 98 12.78 16.58 -0.74
CA GLU A 98 14.17 17.06 -0.70
C GLU A 98 15.18 15.94 -0.40
N GLY A 99 14.72 14.69 -0.35
CA GLY A 99 15.60 13.54 -0.14
C GLY A 99 15.26 12.76 1.14
N PHE A 100 16.11 11.79 1.50
CA PHE A 100 15.89 10.89 2.63
C PHE A 100 16.61 11.38 3.88
N ASP A 101 15.90 11.30 4.99
CA ASP A 101 16.49 11.57 6.29
C ASP A 101 15.70 10.83 7.37
N PHE A 102 16.28 9.70 7.82
CA PHE A 102 15.72 8.80 8.81
C PHE A 102 16.26 9.11 10.22
N SER A 103 16.91 10.27 10.40
CA SER A 103 17.51 10.59 11.69
C SER A 103 16.43 10.92 12.73
N ALA A 104 16.79 10.78 14.02
CA ALA A 104 15.90 10.94 15.15
C ALA A 104 15.18 12.28 15.12
N ALA A 105 15.92 13.37 14.90
CA ALA A 105 15.28 14.67 14.99
C ALA A 105 14.31 14.88 13.82
N ARG A 106 14.69 14.40 12.63
CA ARG A 106 13.85 14.55 11.44
C ARG A 106 12.51 13.81 11.58
N VAL A 107 12.53 12.56 12.06
CA VAL A 107 11.28 11.80 12.08
C VAL A 107 10.40 12.29 13.21
N THR A 108 11.01 12.85 14.26
CA THR A 108 10.24 13.34 15.40
C THR A 108 9.43 14.58 14.98
N ARG A 109 10.08 15.47 14.21
CA ARG A 109 9.37 16.64 13.70
C ARG A 109 8.45 16.20 12.56
N SER A 110 8.92 15.24 11.74
CA SER A 110 8.09 14.70 10.67
C SER A 110 6.68 14.32 11.16
N VAL A 111 6.60 13.54 12.23
CA VAL A 111 5.27 13.10 12.66
C VAL A 111 4.36 14.29 12.99
N ASP A 112 4.92 15.35 13.61
CA ASP A 112 4.11 16.51 13.97
C ASP A 112 3.62 17.25 12.73
N GLU A 113 4.52 17.48 11.77
CA GLU A 113 4.18 18.12 10.52
C GLU A 113 3.04 17.35 9.85
N SER A 114 3.17 16.00 9.79
CA SER A 114 2.17 15.15 9.16
C SER A 114 0.83 15.33 9.85
N LEU A 115 0.87 15.31 11.18
CA LEU A 115 -0.34 15.47 11.97
C LEU A 115 -0.96 16.84 11.68
N ALA A 116 -0.11 17.88 11.55
CA ALA A 116 -0.61 19.22 11.24
C ALA A 116 -1.27 19.22 9.86
N ARG A 117 -0.61 18.61 8.87
CA ARG A 117 -1.16 18.59 7.54
C ARG A 117 -2.44 17.76 7.51
N LEU A 118 -2.48 16.67 8.28
CA LEU A 118 -3.62 15.74 8.21
C LEU A 118 -4.76 16.23 9.09
N GLY A 119 -4.49 17.23 9.93
CA GLY A 119 -5.44 17.68 10.94
C GLY A 119 -5.92 16.55 11.86
N LEU A 120 -5.00 15.74 12.38
CA LEU A 120 -5.39 14.70 13.32
C LEU A 120 -4.55 14.82 14.59
N ASP A 121 -4.97 14.11 15.66
CA ASP A 121 -4.20 14.10 16.90
C ASP A 121 -3.18 12.95 16.91
N TYR A 122 -3.58 11.82 16.33
CA TYR A 122 -2.70 10.67 16.23
C TYR A 122 -2.89 10.03 14.85
N VAL A 123 -1.87 9.28 14.40
CA VAL A 123 -2.13 8.35 13.32
C VAL A 123 -2.13 6.92 13.86
N ASP A 124 -2.91 6.07 13.20
CA ASP A 124 -2.92 4.65 13.54
C ASP A 124 -1.55 4.02 13.30
N ILE A 125 -0.94 4.30 12.11
CA ILE A 125 0.33 3.68 11.74
C ILE A 125 1.30 4.76 11.27
N LEU A 126 2.52 4.71 11.78
CA LEU A 126 3.61 5.45 11.19
C LEU A 126 4.64 4.46 10.67
N HIS A 127 4.95 4.53 9.37
CA HIS A 127 5.96 3.68 8.77
C HIS A 127 7.26 4.44 8.46
N CYS A 128 8.41 3.74 8.50
CA CYS A 128 9.62 4.23 7.84
C CYS A 128 9.50 3.92 6.35
N HIS A 129 9.76 4.94 5.53
CA HIS A 129 9.36 4.93 4.12
C HIS A 129 10.55 4.51 3.23
N ASP A 130 10.38 3.43 2.43
CA ASP A 130 11.36 3.04 1.44
C ASP A 130 12.74 2.98 2.10
N ILE A 131 12.91 2.06 3.07
CA ILE A 131 14.14 2.01 3.85
C ILE A 131 15.32 1.48 3.02
N GLU A 132 15.07 0.94 1.81
CA GLU A 132 16.19 0.40 1.00
C GLU A 132 17.08 1.56 0.53
N PHE A 133 16.60 2.80 0.69
CA PHE A 133 17.36 3.99 0.33
C PHE A 133 18.31 4.43 1.44
N THR A 134 18.37 3.72 2.55
CA THR A 134 19.38 4.11 3.54
C THR A 134 20.10 2.85 3.98
N ASP A 135 21.18 3.01 4.75
CA ASP A 135 21.80 1.90 5.45
C ASP A 135 20.76 1.26 6.38
N LEU A 136 20.47 -0.03 6.19
CA LEU A 136 19.41 -0.66 6.98
C LEU A 136 19.77 -0.72 8.48
N ASP A 137 21.04 -0.68 8.84
CA ASP A 137 21.42 -0.59 10.25
C ASP A 137 20.96 0.70 10.94
N GLN A 138 20.81 1.80 10.18
CA GLN A 138 20.26 3.02 10.75
C GLN A 138 18.80 2.80 11.18
N ILE A 139 18.02 2.08 10.35
CA ILE A 139 16.66 1.77 10.72
C ILE A 139 16.64 0.90 12.00
N VAL A 140 17.51 -0.10 12.07
CA VAL A 140 17.56 -1.02 13.20
C VAL A 140 17.97 -0.25 14.46
N ASN A 141 19.02 0.56 14.33
CA ASN A 141 19.76 1.12 15.47
C ASN A 141 19.31 2.54 15.86
N GLU A 142 18.61 3.25 14.95
CA GLU A 142 18.16 4.61 15.25
C GLU A 142 16.66 4.76 15.04
N THR A 143 16.23 4.56 13.79
CA THR A 143 14.86 4.97 13.43
C THR A 143 13.81 4.18 14.20
N ILE A 144 13.95 2.84 14.21
CA ILE A 144 12.94 2.05 14.91
C ILE A 144 12.90 2.47 16.39
N PRO A 145 14.04 2.51 17.12
CA PRO A 145 14.06 3.02 18.49
C PRO A 145 13.29 4.33 18.70
N VAL A 146 13.52 5.32 17.81
CA VAL A 146 12.89 6.63 17.94
C VAL A 146 11.38 6.49 17.76
N LEU A 147 10.97 5.66 16.79
CA LEU A 147 9.56 5.47 16.53
C LEU A 147 8.87 4.80 17.74
N GLN A 148 9.62 4.02 18.53
CA GLN A 148 9.05 3.51 19.78
C GLN A 148 8.64 4.68 20.68
N LYS A 149 9.52 5.70 20.76
CA LYS A 149 9.28 6.88 21.58
C LYS A 149 8.13 7.69 21.00
N ILE A 150 8.07 7.78 19.67
CA ILE A 150 6.92 8.41 19.07
C ILE A 150 5.65 7.63 19.43
N LYS A 151 5.73 6.29 19.39
CA LYS A 151 4.61 5.43 19.72
C LYS A 151 4.21 5.64 21.18
N GLU A 152 5.22 5.72 22.07
CA GLU A 152 4.99 5.96 23.49
C GLU A 152 4.24 7.28 23.69
N SER A 153 4.65 8.30 22.93
CA SER A 153 4.06 9.63 23.04
C SER A 153 2.58 9.63 22.69
N GLY A 154 2.10 8.56 22.00
CA GLY A 154 0.71 8.48 21.59
C GLY A 154 0.44 8.98 20.16
N LYS A 155 1.42 9.65 19.53
CA LYS A 155 1.16 10.31 18.25
C LYS A 155 1.02 9.30 17.10
N ALA A 156 1.58 8.10 17.27
CA ALA A 156 1.29 6.97 16.40
C ALA A 156 1.01 5.72 17.25
N ARG A 157 -0.04 4.98 16.92
CA ARG A 157 -0.39 3.77 17.64
C ARG A 157 0.49 2.57 17.29
N PHE A 158 0.91 2.43 16.01
CA PHE A 158 1.68 1.28 15.56
C PHE A 158 2.80 1.71 14.60
N ILE A 159 3.80 0.85 14.45
CA ILE A 159 5.01 1.24 13.74
C ILE A 159 5.21 0.28 12.57
N GLY A 160 5.63 0.83 11.40
CA GLY A 160 5.74 0.06 10.18
C GLY A 160 7.08 0.29 9.48
N ILE A 161 7.44 -0.66 8.62
CA ILE A 161 8.51 -0.43 7.67
C ILE A 161 7.95 -0.70 6.28
N THR A 162 8.52 0.01 5.27
CA THR A 162 8.05 -0.16 3.89
C THR A 162 9.23 -0.04 2.93
N GLY A 163 9.00 -0.43 1.69
CA GLY A 163 10.05 -0.51 0.68
C GLY A 163 9.75 -1.59 -0.35
N LEU A 164 10.59 -1.71 -1.39
CA LEU A 164 10.27 -2.65 -2.47
C LEU A 164 10.92 -4.03 -2.28
N PRO A 165 12.26 -4.13 -2.08
CA PRO A 165 12.95 -5.42 -2.07
C PRO A 165 12.55 -6.17 -0.79
N LEU A 166 12.07 -7.41 -0.95
CA LEU A 166 11.53 -8.14 0.19
C LEU A 166 12.67 -8.42 1.21
N SER A 167 13.92 -8.35 0.76
CA SER A 167 15.03 -8.56 1.68
C SER A 167 15.14 -7.50 2.79
N ILE A 168 14.58 -6.30 2.64
CA ILE A 168 14.65 -5.32 3.72
C ILE A 168 14.00 -5.89 4.99
N TYR A 169 12.96 -6.70 4.80
CA TYR A 169 12.09 -7.06 5.89
C TYR A 169 12.74 -8.12 6.77
N THR A 170 13.41 -9.12 6.17
CA THR A 170 14.11 -10.07 7.02
C THR A 170 15.31 -9.39 7.69
N TYR A 171 16.05 -8.58 6.94
CA TYR A 171 17.19 -7.91 7.57
C TYR A 171 16.76 -7.19 8.85
N VAL A 172 15.66 -6.41 8.78
CA VAL A 172 15.32 -5.55 9.91
C VAL A 172 14.72 -6.40 11.02
N LEU A 173 13.78 -7.29 10.64
CA LEU A 173 12.99 -7.99 11.63
C LEU A 173 13.84 -9.05 12.35
N ASP A 174 14.99 -9.40 11.79
CA ASP A 174 15.88 -10.39 12.38
C ASP A 174 16.72 -9.69 13.45
N GLN A 175 16.87 -8.36 13.33
CA GLN A 175 17.92 -7.63 14.04
C GLN A 175 17.38 -6.64 15.06
N VAL A 176 16.06 -6.63 15.29
CA VAL A 176 15.44 -5.76 16.29
C VAL A 176 14.78 -6.66 17.33
N PRO A 177 14.73 -6.24 18.62
CA PRO A 177 14.05 -7.03 19.65
C PRO A 177 12.68 -7.44 19.13
N PRO A 178 12.18 -8.65 19.44
CA PRO A 178 10.82 -9.04 19.06
C PRO A 178 9.88 -7.95 19.55
N GLY A 179 8.82 -7.63 18.80
CA GLY A 179 7.80 -6.66 19.22
C GLY A 179 8.01 -5.21 18.77
N SER A 180 9.18 -4.88 18.21
CA SER A 180 9.53 -3.50 17.83
C SER A 180 8.66 -2.97 16.68
N VAL A 181 8.25 -3.88 15.78
CA VAL A 181 7.57 -3.47 14.57
C VAL A 181 6.21 -4.16 14.52
N ASP A 182 5.17 -3.39 14.23
CA ASP A 182 3.79 -3.86 14.27
C ASP A 182 3.35 -4.34 12.90
N VAL A 183 3.79 -3.64 11.81
CA VAL A 183 3.28 -3.94 10.49
C VAL A 183 4.39 -3.73 9.47
N ILE A 184 4.19 -4.31 8.29
CA ILE A 184 5.00 -3.91 7.16
C ILE A 184 4.06 -3.53 6.02
N LEU A 185 4.58 -2.69 5.12
CA LEU A 185 3.89 -2.39 3.88
C LEU A 185 4.84 -2.81 2.76
N SER A 186 4.35 -3.74 1.91
CA SER A 186 5.10 -4.22 0.77
C SER A 186 4.29 -3.82 -0.46
N TYR A 187 4.95 -3.55 -1.61
CA TYR A 187 4.17 -3.27 -2.80
C TYR A 187 4.75 -3.97 -4.04
N CYS A 188 3.89 -4.23 -5.03
CA CYS A 188 4.30 -4.87 -6.26
C CYS A 188 4.71 -6.35 -6.09
N HIS A 189 4.45 -6.96 -4.92
CA HIS A 189 4.81 -8.36 -4.72
C HIS A 189 3.62 -9.20 -4.29
N TYR A 190 2.39 -8.68 -4.49
CA TYR A 190 1.24 -9.55 -4.41
C TYR A 190 0.20 -9.19 -5.47
N GLY A 191 0.44 -9.67 -6.67
CA GLY A 191 -0.44 -9.48 -7.82
C GLY A 191 -0.16 -10.56 -8.87
N ILE A 192 -0.93 -10.58 -9.95
CA ILE A 192 -0.87 -11.76 -10.81
C ILE A 192 0.54 -11.99 -11.34
N ASN A 193 1.30 -10.91 -11.57
CA ASN A 193 2.62 -11.05 -12.18
C ASN A 193 3.71 -11.35 -11.14
N ASP A 194 3.45 -11.10 -9.85
CA ASP A 194 4.48 -11.16 -8.80
C ASP A 194 3.81 -11.46 -7.47
N THR A 195 4.09 -12.62 -6.89
CA THR A 195 3.46 -12.99 -5.62
C THR A 195 4.51 -13.36 -4.59
N ALA A 196 5.74 -12.86 -4.76
CA ALA A 196 6.85 -13.18 -3.87
C ALA A 196 6.53 -12.85 -2.42
N LEU A 197 5.67 -11.87 -2.16
CA LEU A 197 5.37 -11.59 -0.77
C LEU A 197 4.95 -12.87 -0.05
N VAL A 198 4.31 -13.82 -0.76
CA VAL A 198 3.76 -15.00 -0.09
C VAL A 198 4.82 -15.73 0.73
N ASP A 199 6.06 -15.71 0.25
CA ASP A 199 7.17 -16.39 0.90
C ASP A 199 7.50 -15.77 2.25
N LEU A 200 6.89 -14.61 2.60
CA LEU A 200 7.21 -13.95 3.86
C LEU A 200 6.05 -14.10 4.85
N LEU A 201 4.85 -14.48 4.39
CA LEU A 201 3.70 -14.38 5.28
C LEU A 201 3.89 -15.26 6.52
N PRO A 202 4.40 -16.52 6.40
CA PRO A 202 4.58 -17.35 7.60
C PRO A 202 5.58 -16.77 8.61
N TYR A 203 6.72 -16.29 8.12
CA TYR A 203 7.76 -15.60 8.87
C TYR A 203 7.20 -14.37 9.61
N LEU A 204 6.41 -13.55 8.92
CA LEU A 204 5.91 -12.33 9.54
C LEU A 204 4.86 -12.69 10.59
N LYS A 205 4.06 -13.71 10.30
CA LYS A 205 3.08 -14.20 11.26
C LYS A 205 3.83 -14.70 12.51
N SER A 206 4.95 -15.38 12.31
CA SER A 206 5.73 -15.87 13.42
C SER A 206 6.28 -14.73 14.27
N LYS A 207 6.40 -13.53 13.67
CA LYS A 207 7.02 -12.42 14.36
C LYS A 207 5.93 -11.53 14.95
N GLY A 208 4.67 -11.89 14.71
CA GLY A 208 3.57 -11.06 15.18
C GLY A 208 3.39 -9.76 14.39
N VAL A 209 3.79 -9.77 13.11
CA VAL A 209 3.78 -8.57 12.31
C VAL A 209 2.62 -8.64 11.32
N GLY A 210 1.74 -7.63 11.30
CA GLY A 210 0.68 -7.53 10.30
C GLY A 210 1.19 -7.15 8.91
N VAL A 211 0.40 -7.52 7.89
CA VAL A 211 0.85 -7.39 6.51
C VAL A 211 -0.14 -6.55 5.72
N ILE A 212 0.39 -5.46 5.14
CA ILE A 212 -0.33 -4.66 4.17
C ILE A 212 0.39 -4.85 2.84
N SER A 213 -0.34 -5.12 1.73
CA SER A 213 0.29 -5.16 0.43
C SER A 213 -0.28 -4.02 -0.42
N ALA A 214 0.45 -3.64 -1.47
CA ALA A 214 0.02 -2.46 -2.23
C ALA A 214 0.35 -2.68 -3.70
N SER A 215 -0.20 -1.81 -4.56
CA SER A 215 0.07 -1.85 -5.99
C SER A 215 -0.33 -3.21 -6.59
N PRO A 216 -1.58 -3.66 -6.40
CA PRO A 216 -2.04 -4.92 -6.95
C PRO A 216 -2.04 -4.93 -8.49
N LEU A 217 -2.07 -3.73 -9.10
CA LEU A 217 -2.00 -3.64 -10.56
C LEU A 217 -0.56 -3.42 -11.01
N ALA A 218 0.38 -3.52 -10.06
CA ALA A 218 1.80 -3.32 -10.36
C ALA A 218 2.08 -1.95 -10.97
N MET A 219 1.42 -0.92 -10.43
CA MET A 219 1.62 0.47 -10.83
C MET A 219 1.22 0.67 -12.29
N GLY A 220 0.13 -0.01 -12.68
CA GLY A 220 -0.44 0.19 -14.01
C GLY A 220 -0.06 -0.87 -15.06
N LEU A 221 0.80 -1.84 -14.74
CA LEU A 221 1.10 -2.90 -15.70
C LEU A 221 -0.15 -3.71 -16.03
N LEU A 222 -1.03 -3.89 -15.04
CA LEU A 222 -2.17 -4.76 -15.26
C LEU A 222 -3.42 -3.89 -15.42
N THR A 223 -3.38 -3.04 -16.45
CA THR A 223 -4.49 -2.16 -16.79
C THR A 223 -4.56 -2.14 -18.31
N ASP A 224 -5.72 -1.75 -18.83
CA ASP A 224 -5.86 -1.53 -20.27
C ASP A 224 -4.94 -0.42 -20.75
N ASN A 225 -4.86 0.68 -19.98
CA ASN A 225 -4.07 1.85 -20.36
C ASN A 225 -2.57 1.54 -20.38
N GLY A 226 -2.11 0.65 -19.51
CA GLY A 226 -0.70 0.30 -19.52
C GLY A 226 0.03 1.19 -18.51
N PRO A 227 1.33 0.94 -18.26
CA PRO A 227 2.05 1.66 -17.20
C PRO A 227 2.50 3.05 -17.67
N PRO A 228 2.85 3.98 -16.75
CA PRO A 228 3.48 5.24 -17.16
C PRO A 228 4.87 5.03 -17.79
N GLU A 229 5.38 6.05 -18.49
CA GLU A 229 6.64 5.93 -19.23
C GLU A 229 7.83 5.74 -18.27
N TRP A 230 7.67 6.20 -17.03
CA TRP A 230 8.75 6.12 -16.06
C TRP A 230 8.86 4.73 -15.41
N HIS A 231 7.90 3.83 -15.70
CA HIS A 231 7.74 2.60 -14.94
C HIS A 231 9.05 1.81 -15.03
N PRO A 232 9.68 1.36 -13.92
CA PRO A 232 10.97 0.67 -13.97
C PRO A 232 11.02 -0.81 -14.34
N ALA A 233 9.88 -1.43 -14.69
CA ALA A 233 9.85 -2.84 -15.04
C ALA A 233 10.76 -3.09 -16.24
N PRO A 234 11.43 -4.26 -16.32
CA PRO A 234 12.09 -4.70 -17.55
C PRO A 234 11.11 -4.77 -18.72
N LYS A 235 11.62 -4.61 -19.94
CA LYS A 235 10.75 -4.53 -21.10
C LYS A 235 9.97 -5.84 -21.25
N GLU A 236 10.62 -6.95 -20.90
CA GLU A 236 10.00 -8.26 -21.03
C GLU A 236 8.72 -8.29 -20.20
N LEU A 237 8.80 -7.81 -18.95
CA LEU A 237 7.62 -7.84 -18.10
C LEU A 237 6.57 -6.91 -18.69
N LYS A 238 7.01 -5.75 -19.20
CA LYS A 238 6.06 -4.78 -19.74
C LYS A 238 5.25 -5.42 -20.88
N LEU A 239 5.95 -6.13 -21.76
CA LEU A 239 5.38 -6.76 -22.95
C LEU A 239 4.44 -7.88 -22.56
N ALA A 240 4.86 -8.69 -21.57
CA ALA A 240 4.04 -9.77 -21.08
C ALA A 240 2.74 -9.24 -20.52
N CYS A 241 2.81 -8.13 -19.76
CA CYS A 241 1.61 -7.56 -19.13
C CYS A 241 0.68 -6.97 -20.19
N ARG A 242 1.27 -6.47 -21.27
CA ARG A 242 0.49 -5.92 -22.37
C ARG A 242 -0.27 -7.04 -23.08
N ALA A 243 0.38 -8.20 -23.19
CA ALA A 243 -0.22 -9.41 -23.75
C ALA A 243 -1.38 -9.89 -22.88
N ALA A 244 -1.23 -9.86 -21.53
CA ALA A 244 -2.29 -10.26 -20.62
C ALA A 244 -3.49 -9.32 -20.71
N ALA A 245 -3.22 -8.01 -20.77
CA ALA A 245 -4.25 -7.01 -20.89
C ALA A 245 -5.00 -7.21 -22.21
N ASP A 246 -4.26 -7.46 -23.31
CA ASP A 246 -4.84 -7.64 -24.63
C ASP A 246 -5.70 -8.91 -24.68
N HIS A 247 -5.22 -9.99 -24.02
CA HIS A 247 -5.95 -11.24 -23.89
C HIS A 247 -7.31 -11.03 -23.22
N CYS A 248 -7.32 -10.28 -22.11
CA CYS A 248 -8.59 -10.00 -21.45
C CYS A 248 -9.49 -9.15 -22.35
N LYS A 249 -8.89 -8.16 -23.02
CA LYS A 249 -9.65 -7.20 -23.80
C LYS A 249 -10.39 -7.92 -24.94
N LYS A 250 -9.65 -8.75 -25.68
CA LYS A 250 -10.15 -9.44 -26.86
C LYS A 250 -11.35 -10.34 -26.49
N LYS A 251 -11.51 -10.63 -25.18
CA LYS A 251 -12.62 -11.44 -24.69
C LYS A 251 -13.67 -10.58 -24.00
N GLY A 252 -13.55 -9.25 -24.11
CA GLY A 252 -14.53 -8.37 -23.49
C GLY A 252 -14.47 -8.39 -21.96
N LYS A 253 -13.29 -8.72 -21.41
CA LYS A 253 -13.13 -8.86 -19.98
C LYS A 253 -12.08 -7.85 -19.52
N ASN A 254 -11.97 -7.65 -18.19
CA ASN A 254 -11.17 -6.55 -17.68
C ASN A 254 -10.05 -7.05 -16.77
N ILE A 255 -8.81 -6.80 -17.22
CA ILE A 255 -7.64 -7.25 -16.48
C ILE A 255 -7.56 -6.58 -15.11
N THR A 256 -8.00 -5.32 -15.03
CA THR A 256 -7.89 -4.58 -13.78
C THR A 256 -8.70 -5.30 -12.71
N LYS A 257 -9.91 -5.74 -13.08
CA LYS A 257 -10.81 -6.40 -12.17
C LYS A 257 -10.25 -7.75 -11.73
N LEU A 258 -9.77 -8.51 -12.70
CA LEU A 258 -9.19 -9.80 -12.41
C LEU A 258 -8.03 -9.63 -11.43
N ALA A 259 -7.11 -8.69 -11.72
CA ALA A 259 -5.95 -8.42 -10.87
C ALA A 259 -6.32 -8.00 -9.43
N MET A 260 -7.26 -7.07 -9.27
CA MET A 260 -7.72 -6.66 -7.95
C MET A 260 -8.26 -7.84 -7.13
N GLN A 261 -9.15 -8.65 -7.74
CA GLN A 261 -9.71 -9.85 -7.13
C GLN A 261 -8.61 -10.82 -6.73
N TYR A 262 -7.64 -11.00 -7.62
CA TYR A 262 -6.57 -11.94 -7.37
C TYR A 262 -5.79 -11.55 -6.12
N SER A 263 -5.47 -10.26 -5.99
CA SER A 263 -4.65 -9.82 -4.86
C SER A 263 -5.40 -9.99 -3.54
N LEU A 264 -6.73 -10.11 -3.63
CA LEU A 264 -7.61 -10.15 -2.47
C LEU A 264 -7.85 -11.58 -1.95
N MET A 265 -7.34 -12.59 -2.67
CA MET A 265 -7.63 -13.98 -2.39
C MET A 265 -6.66 -14.56 -1.37
N ASN A 266 -5.84 -13.74 -0.68
CA ASN A 266 -4.98 -14.27 0.36
C ASN A 266 -5.22 -13.57 1.69
N ASN A 267 -5.97 -14.25 2.56
CA ASN A 267 -6.54 -13.63 3.74
C ASN A 267 -5.43 -13.34 4.76
N GLU A 268 -4.23 -13.89 4.54
CA GLU A 268 -3.09 -13.58 5.38
C GLU A 268 -2.53 -12.18 5.08
N ILE A 269 -3.01 -11.56 4.00
CA ILE A 269 -2.76 -10.14 3.79
C ILE A 269 -4.00 -9.37 4.25
N SER A 270 -3.81 -8.44 5.19
CA SER A 270 -4.93 -7.77 5.85
C SER A 270 -5.63 -6.74 4.95
N THR A 271 -4.85 -5.99 4.17
CA THR A 271 -5.47 -5.05 3.24
C THR A 271 -4.56 -4.91 2.01
N VAL A 272 -5.21 -4.61 0.88
CA VAL A 272 -4.49 -4.36 -0.37
C VAL A 272 -4.75 -2.91 -0.73
N LEU A 273 -3.70 -2.07 -0.63
CA LEU A 273 -3.83 -0.68 -1.00
C LEU A 273 -3.83 -0.53 -2.52
N VAL A 274 -4.88 0.12 -3.00
CA VAL A 274 -5.04 0.43 -4.42
C VAL A 274 -5.07 1.93 -4.53
N GLY A 275 -4.26 2.44 -5.45
CA GLY A 275 -4.31 3.86 -5.77
C GLY A 275 -5.60 4.15 -6.52
N MET A 276 -6.33 5.16 -6.06
CA MET A 276 -7.65 5.48 -6.59
C MET A 276 -7.79 7.00 -6.60
N ASN A 277 -8.47 7.51 -7.64
CA ASN A 277 -8.46 8.94 -7.92
C ASN A 277 -9.89 9.45 -8.01
N SER A 278 -10.86 8.53 -8.07
CA SER A 278 -12.25 8.91 -8.34
C SER A 278 -13.23 7.95 -7.69
N PRO A 279 -14.48 8.40 -7.41
CA PRO A 279 -15.55 7.54 -6.89
C PRO A 279 -15.78 6.32 -7.78
N GLU A 280 -15.56 6.49 -9.08
CA GLU A 280 -15.81 5.40 -10.00
C GLU A 280 -14.80 4.29 -9.76
N GLN A 281 -13.55 4.67 -9.46
CA GLN A 281 -12.55 3.64 -9.23
C GLN A 281 -12.81 2.93 -7.91
N VAL A 282 -13.20 3.72 -6.90
CA VAL A 282 -13.64 3.17 -5.63
C VAL A 282 -14.72 2.11 -5.89
N GLU A 283 -15.76 2.51 -6.63
CA GLU A 283 -16.91 1.63 -6.88
C GLU A 283 -16.45 0.34 -7.55
N GLU A 284 -15.62 0.46 -8.58
CA GLU A 284 -15.20 -0.73 -9.29
C GLU A 284 -14.43 -1.67 -8.38
N ASN A 285 -13.54 -1.13 -7.53
CA ASN A 285 -12.68 -1.97 -6.70
C ASN A 285 -13.47 -2.57 -5.53
N VAL A 286 -14.33 -1.78 -4.90
CA VAL A 286 -15.19 -2.31 -3.87
C VAL A 286 -16.08 -3.41 -4.48
N ALA A 287 -16.64 -3.14 -5.67
CA ALA A 287 -17.48 -4.10 -6.38
C ALA A 287 -16.67 -5.37 -6.65
N ALA A 288 -15.41 -5.20 -7.06
CA ALA A 288 -14.61 -6.34 -7.45
C ALA A 288 -14.40 -7.23 -6.23
N ALA A 289 -14.21 -6.59 -5.07
CA ALA A 289 -13.99 -7.29 -3.80
C ALA A 289 -15.26 -8.08 -3.45
N ILE A 290 -16.42 -7.43 -3.57
CA ILE A 290 -17.68 -8.02 -3.16
C ILE A 290 -18.00 -9.20 -4.07
N GLU A 291 -17.79 -9.03 -5.38
CA GLU A 291 -18.04 -10.09 -6.35
C GLU A 291 -17.10 -11.27 -6.10
N LEU A 292 -15.88 -10.99 -5.64
CA LEU A 292 -14.96 -12.08 -5.30
C LEU A 292 -15.57 -12.89 -4.16
N SER A 293 -16.01 -12.18 -3.13
CA SER A 293 -16.55 -12.78 -1.93
C SER A 293 -17.75 -13.67 -2.27
N THR A 294 -18.69 -13.13 -3.06
CA THR A 294 -20.02 -13.70 -3.28
C THR A 294 -20.05 -14.72 -4.40
N SER A 295 -19.17 -14.55 -5.40
CA SER A 295 -19.27 -15.32 -6.64
C SER A 295 -17.92 -15.92 -7.02
N GLY A 296 -16.83 -15.41 -6.42
CA GLY A 296 -15.51 -15.94 -6.70
C GLY A 296 -14.93 -15.31 -7.97
N ILE A 297 -13.68 -15.69 -8.27
CA ILE A 297 -12.95 -15.07 -9.35
C ILE A 297 -13.38 -15.81 -10.62
N ASP A 298 -13.06 -15.26 -11.79
CA ASP A 298 -13.14 -16.05 -13.01
C ASP A 298 -11.88 -16.90 -13.15
N LYS A 299 -11.96 -18.18 -12.72
CA LYS A 299 -10.77 -19.03 -12.67
C LYS A 299 -10.20 -19.35 -14.06
N GLU A 300 -11.06 -19.43 -15.08
CA GLU A 300 -10.61 -19.83 -16.40
C GLU A 300 -9.81 -18.69 -17.03
N LEU A 301 -10.34 -17.47 -16.89
CA LEU A 301 -9.57 -16.31 -17.31
C LEU A 301 -8.28 -16.21 -16.49
N LEU A 302 -8.37 -16.42 -15.18
CA LEU A 302 -7.15 -16.33 -14.37
C LEU A 302 -6.06 -17.25 -14.90
N HIS A 303 -6.45 -18.49 -15.24
CA HIS A 303 -5.49 -19.51 -15.62
C HIS A 303 -4.74 -19.12 -16.91
N GLU A 304 -5.48 -18.55 -17.88
CA GLU A 304 -4.92 -18.13 -19.16
C GLU A 304 -3.97 -16.95 -18.92
N VAL A 305 -4.37 -16.02 -18.03
CA VAL A 305 -3.50 -14.87 -17.77
C VAL A 305 -2.23 -15.34 -17.06
N GLU A 306 -2.40 -16.28 -16.12
CA GLU A 306 -1.26 -16.85 -15.43
C GLU A 306 -0.27 -17.47 -16.42
N ALA A 307 -0.79 -18.09 -17.48
CA ALA A 307 0.04 -18.74 -18.48
C ALA A 307 0.83 -17.72 -19.28
N ILE A 308 0.22 -16.55 -19.57
CA ILE A 308 0.94 -15.52 -20.32
C ILE A 308 2.06 -14.96 -19.44
N LEU A 309 1.77 -14.77 -18.14
CA LEU A 309 2.71 -14.08 -17.25
C LEU A 309 3.78 -15.06 -16.76
N GLU A 310 3.49 -16.34 -16.95
CA GLU A 310 4.33 -17.41 -16.45
C GLU A 310 5.82 -17.11 -16.66
N PRO A 311 6.27 -16.79 -17.90
CA PRO A 311 7.69 -16.49 -18.12
C PRO A 311 8.30 -15.34 -17.35
N VAL A 312 7.45 -14.45 -16.78
CA VAL A 312 7.95 -13.25 -16.11
C VAL A 312 7.50 -13.23 -14.65
N LYS A 313 7.05 -14.38 -14.14
CA LYS A 313 6.56 -14.50 -12.78
C LYS A 313 7.65 -14.05 -11.80
N ASN A 314 7.28 -13.09 -10.94
CA ASN A 314 8.16 -12.59 -9.88
C ASN A 314 9.37 -11.85 -10.45
N MET A 315 9.34 -11.49 -11.73
CA MET A 315 10.38 -10.60 -12.20
C MET A 315 10.20 -9.20 -11.61
N THR A 316 11.32 -8.64 -11.10
CA THR A 316 11.31 -7.41 -10.35
C THR A 316 12.32 -6.43 -10.95
N TRP A 317 12.74 -5.42 -10.19
CA TRP A 317 13.68 -4.40 -10.66
C TRP A 317 14.43 -3.87 -9.44
N SER A 318 15.48 -3.11 -9.67
CA SER A 318 16.34 -2.57 -8.61
C SER A 318 15.65 -1.43 -7.86
N SER A 319 15.96 -1.33 -6.56
CA SER A 319 15.53 -0.19 -5.80
C SER A 319 16.52 0.07 -4.67
N GLY A 320 16.84 1.34 -4.43
CA GLY A 320 17.56 1.73 -3.23
C GLY A 320 19.07 1.60 -3.44
N ILE A 321 19.83 1.57 -2.35
CA ILE A 321 21.28 1.75 -2.48
C ILE A 321 21.99 0.44 -2.19
N GLU A 322 23.32 0.37 -2.46
CA GLU A 322 24.09 -0.80 -2.07
C GLU A 322 24.20 -0.83 -0.55
N GLN A 323 24.07 -2.03 0.03
CA GLN A 323 24.04 -2.22 1.49
C GLN A 323 25.42 -2.69 1.99
N ALA A 324 25.40 -3.32 3.18
CA ALA A 324 26.58 -3.90 3.81
C ALA A 324 26.79 -5.33 3.30
PA NAD B . -1.54 0.28 -8.34
O1A NAD B . -0.95 -0.94 -8.87
O2A NAD B . -2.43 0.40 -7.13
O5B NAD B . -2.21 1.02 -9.58
C5B NAD B . -2.82 2.30 -9.43
C4B NAD B . -3.23 2.76 -10.81
O4B NAD B . -4.35 1.95 -11.28
C3B NAD B . -3.69 4.22 -10.89
O3B NAD B . -3.17 4.78 -12.09
C2B NAD B . -5.22 4.06 -10.80
O2B NAD B . -5.99 5.18 -11.20
C1B NAD B . -5.44 2.78 -11.59
N9A NAD B . -6.67 2.07 -11.22
C8A NAD B . -7.05 1.72 -9.95
N7A NAD B . -8.21 1.12 -9.91
C5A NAD B . -8.63 1.07 -11.24
C6A NAD B . -9.78 0.56 -11.86
N6A NAD B . -10.77 -0.04 -11.19
N1A NAD B . -9.89 0.69 -13.20
C2A NAD B . -8.89 1.28 -13.87
N3A NAD B . -7.76 1.80 -13.39
C4A NAD B . -7.68 1.67 -12.05
O3 NAD B . -0.30 1.24 -7.90
PN NAD B . -0.03 2.40 -6.83
O1N NAD B . -1.21 3.33 -6.83
O2N NAD B . 1.31 2.95 -7.20
O5D NAD B . 0.06 1.66 -5.40
C5D NAD B . -1.11 1.75 -4.50
C4D NAD B . -0.78 2.49 -3.21
O4D NAD B . 0.19 1.69 -2.49
C3D NAD B . -0.16 3.91 -3.25
O3D NAD B . -1.03 5.02 -3.46
C2D NAD B . 0.49 3.95 -1.86
O2D NAD B . -0.40 4.28 -0.79
C1D NAD B . 0.99 2.52 -1.65
N1N NAD B . 2.44 2.31 -2.02
C2N NAD B . 3.39 2.27 -1.01
C3N NAD B . 4.76 2.30 -1.32
C7N NAD B . 5.70 2.25 -0.12
O7N NAD B . 5.25 2.40 1.00
N7N NAD B . 7.00 2.05 -0.32
C4N NAD B . 5.12 2.40 -2.68
C5N NAD B . 4.17 2.18 -3.68
C6N NAD B . 2.84 2.15 -3.34
MG MG C . 24.84 -2.01 7.13
#